data_6YHJ
#
_entry.id   6YHJ
#
_cell.length_a   70.285
_cell.length_b   71.399
_cell.length_c   72.560
_cell.angle_alpha   90.000
_cell.angle_beta   100.580
_cell.angle_gamma   90.000
#
_symmetry.space_group_name_H-M   'C 1 2 1'
#
loop_
_entity.id
_entity.type
_entity.pdbx_description
1 polymer Prothrombin
2 polymer Prothrombin
3 polymer 'Hirudin variant-2'
4 non-polymer 1,2-ETHANEDIOL
5 non-polymer 'SODIUM ION'
6 non-polymer 'PHOSPHATE ION'
7 non-polymer 2-acetamido-2-deoxy-beta-D-glucopyranose
8 non-polymer (2~{S})-1-[(2~{R})-2-azanyl-3-phenyl-propanoyl]-~{N}-[(5-chloranylthiophen-2-yl)methyl]pyrrolidine-2-carboxamide
9 non-polymer 'DIMETHYL SULFOXIDE'
10 water water
#
loop_
_entity_poly.entity_id
_entity_poly.type
_entity_poly.pdbx_seq_one_letter_code
_entity_poly.pdbx_strand_id
1 'polypeptide(L)' TFGSGEADCGLRPLFEKKSLEDKTERELLESYIDGR L
2 'polypeptide(L)'
;IVEGSDAEIGMSPWQVMLFRKSPQELLCGASLISDRWVLTAAHCLLYPPWDKNFTENDLLVRIGKHSRTRYERNIEKISM
LEKIYIHPRYNWRENLDRDIALMKLKKPVAFSDYIHPVCLPDRETAASLLQAGYKGRVTGWGNLKETWTANVGKGQPSVL
QVVNLPIVERPVCKDSTRIRITDNMFCAGYKPDEGKRGDACEGDSGGPFVMKSPFNNRWYQMGIVSWGEGCDRDGKYGFY
THVFRLKKWIQKVIDQFGE
;
H
3 'polypeptide(L)' GDFEEIPEE(TYS)LQ I
#
loop_
_chem_comp.id
_chem_comp.type
_chem_comp.name
_chem_comp.formula
DMS non-polymer 'DIMETHYL SULFOXIDE' 'C2 H6 O S'
EDO non-polymer 1,2-ETHANEDIOL 'C2 H6 O2'
NA non-polymer 'SODIUM ION' 'Na 1'
NAG D-saccharide, beta linking 2-acetamido-2-deoxy-beta-D-glucopyranose 'C8 H15 N O6'
OQZ non-polymer (2~{S})-1-[(2~{R})-2-azanyl-3-phenyl-propanoyl]-~{N}-[(5-chloranylthiophen-2-yl)methyl]pyrrolidine-2-carboxamide 'C19 H22 Cl N3 O2 S'
PO4 non-polymer 'PHOSPHATE ION' 'O4 P -3'
#
# COMPACT_ATOMS: atom_id res chain seq x y z
N SER A 4 -0.73 8.90 -18.92
CA SER A 4 -0.13 9.23 -17.60
C SER A 4 -0.90 8.51 -16.48
N GLY A 5 -2.23 8.50 -16.62
CA GLY A 5 -3.11 7.97 -15.59
C GLY A 5 -3.83 9.04 -14.79
N GLU A 6 -3.58 10.30 -15.06
CA GLU A 6 -4.11 11.36 -14.19
C GLU A 6 -5.62 11.43 -14.26
N ALA A 7 -6.18 11.52 -15.47
CA ALA A 7 -7.60 11.82 -15.59
C ALA A 7 -8.45 10.76 -14.92
N ASP A 8 -8.05 9.50 -15.05
N ASP A 8 -8.08 9.49 -15.07
CA ASP A 8 -8.82 8.35 -14.62
CA ASP A 8 -8.89 8.41 -14.54
C ASP A 8 -8.28 7.69 -13.35
C ASP A 8 -8.20 7.66 -13.42
N CYS A 9 -7.36 8.34 -12.63
CA CYS A 9 -6.79 7.68 -11.45
C CYS A 9 -7.91 7.26 -10.51
N GLY A 10 -7.71 6.12 -9.83
CA GLY A 10 -8.64 5.68 -8.82
C GLY A 10 -9.97 5.13 -9.29
N LEU A 11 -10.15 4.97 -10.59
CA LEU A 11 -11.35 4.39 -11.17
C LEU A 11 -10.96 3.04 -11.76
N ARG A 12 -11.42 1.97 -11.15
CA ARG A 12 -10.95 0.63 -11.54
C ARG A 12 -11.64 0.14 -12.80
N PRO A 13 -10.90 -0.37 -13.78
CA PRO A 13 -11.54 -0.90 -14.99
C PRO A 13 -12.63 -1.90 -14.74
N LEU A 14 -12.47 -2.80 -13.77
CA LEU A 14 -13.44 -3.87 -13.57
C LEU A 14 -14.53 -3.51 -12.56
N PHE A 15 -14.51 -2.30 -12.01
CA PHE A 15 -15.51 -1.87 -11.03
C PHE A 15 -16.06 -0.52 -11.44
N GLU A 16 -15.46 0.58 -10.99
CA GLU A 16 -16.07 1.88 -11.26
C GLU A 16 -16.30 2.11 -12.75
N LYS A 17 -15.35 1.72 -13.60
N LYS A 17 -15.35 1.72 -13.60
CA LYS A 17 -15.49 2.01 -15.03
CA LYS A 17 -15.50 2.03 -15.02
C LYS A 17 -16.72 1.35 -15.63
C LYS A 17 -16.70 1.34 -15.65
N LYS A 18 -17.17 0.24 -15.05
CA LYS A 18 -18.32 -0.49 -15.58
C LYS A 18 -19.50 -0.45 -14.62
N SER A 19 -19.47 0.43 -13.63
CA SER A 19 -20.52 0.56 -12.62
C SER A 19 -20.83 -0.76 -11.92
N LEU A 20 -19.78 -1.46 -11.53
CA LEU A 20 -19.92 -2.62 -10.66
C LEU A 20 -19.22 -2.33 -9.34
N GLU A 21 -19.83 -2.79 -8.25
N GLU A 21 -19.79 -2.87 -8.26
CA GLU A 21 -19.24 -2.63 -6.94
CA GLU A 21 -19.31 -2.64 -6.90
C GLU A 21 -18.55 -3.92 -6.51
C GLU A 21 -18.67 -3.91 -6.36
N ASP A 22 -17.51 -3.77 -5.70
CA ASP A 22 -16.88 -4.92 -5.06
C ASP A 22 -17.66 -5.31 -3.81
N LYS A 23 -17.31 -6.46 -3.24
CA LYS A 23 -18.17 -7.05 -2.22
C LYS A 23 -18.12 -6.33 -0.88
N THR A 24 -17.12 -5.46 -0.62
CA THR A 24 -17.03 -4.81 0.68
C THR A 24 -16.88 -3.30 0.65
N GLU A 25 -16.90 -2.67 -0.52
CA GLU A 25 -16.75 -1.22 -0.54
C GLU A 25 -17.88 -0.50 0.17
N ARG A 26 -19.06 -1.11 0.25
CA ARG A 26 -20.16 -0.51 1.01
C ARG A 26 -19.82 -0.35 2.49
N GLU A 27 -19.01 -1.26 3.06
CA GLU A 27 -18.58 -1.11 4.44
C GLU A 27 -17.81 0.18 4.64
N LEU A 28 -16.98 0.55 3.67
CA LEU A 28 -16.28 1.82 3.73
C LEU A 28 -17.26 2.98 3.69
N LEU A 29 -18.16 2.98 2.70
CA LEU A 29 -19.11 4.08 2.56
C LEU A 29 -19.91 4.27 3.83
N GLU A 30 -20.36 3.17 4.44
CA GLU A 30 -21.18 3.29 5.64
C GLU A 30 -20.44 3.92 6.80
N SER A 31 -19.11 3.85 6.82
CA SER A 31 -18.32 4.46 7.88
C SER A 31 -18.10 5.94 7.66
N TYR A 32 -18.36 6.45 6.47
N TYR A 32 -18.43 6.47 6.49
CA TYR A 32 -18.12 7.86 6.16
CA TYR A 32 -18.11 7.85 6.15
C TYR A 32 -19.36 8.66 6.59
C TYR A 32 -19.30 8.74 6.47
N ILE A 33 -19.51 8.74 7.91
N ILE A 33 -19.23 9.44 7.59
CA ILE A 33 -20.71 9.34 8.49
CA ILE A 33 -20.37 10.23 8.03
C ILE A 33 -20.61 10.87 8.49
C ILE A 33 -20.40 11.61 7.35
N ASP A 34 -19.26 12.22 7.11
CA ASP A 34 -19.24 13.62 6.70
C ASP A 34 -19.88 13.81 5.34
N GLY A 35 -20.84 14.75 5.27
CA GLY A 35 -21.43 15.16 4.02
C GLY A 35 -22.69 14.44 3.62
N ARG A 36 -23.10 13.40 4.35
CA ARG A 36 -24.33 12.72 3.98
C ARG A 36 -25.52 13.34 4.69
N ILE B 1 -1.49 -10.10 5.50
CA ILE B 1 -2.75 -9.56 6.04
C ILE B 1 -3.39 -10.64 6.94
N VAL B 2 -3.67 -10.28 8.19
CA VAL B 2 -4.28 -11.18 9.16
C VAL B 2 -5.78 -10.91 9.19
N GLU B 3 -6.57 -11.97 9.10
CA GLU B 3 -8.03 -11.89 9.27
C GLU B 3 -8.69 -11.09 8.14
N GLY B 4 -8.07 -11.11 6.97
CA GLY B 4 -8.67 -10.57 5.76
C GLY B 4 -9.31 -11.64 4.91
N SER B 5 -9.46 -11.33 3.63
CA SER B 5 -10.05 -12.27 2.69
C SER B 5 -9.38 -12.13 1.34
N ASP B 6 -9.63 -13.10 0.46
CA ASP B 6 -9.08 -13.04 -0.88
C ASP B 6 -9.64 -11.84 -1.62
N ALA B 7 -8.77 -11.10 -2.29
CA ALA B 7 -9.22 -10.02 -3.14
C ALA B 7 -10.03 -10.57 -4.31
N GLU B 8 -10.96 -9.75 -4.80
CA GLU B 8 -11.57 -10.00 -6.10
C GLU B 8 -10.58 -9.65 -7.23
N ILE B 9 -10.81 -10.26 -8.40
CA ILE B 9 -9.99 -9.94 -9.56
C ILE B 9 -10.19 -8.47 -9.93
N GLY B 10 -9.06 -7.77 -10.13
CA GLY B 10 -9.07 -6.35 -10.44
C GLY B 10 -9.51 -5.43 -9.32
N MET B 11 -9.57 -5.92 -8.08
CA MET B 11 -10.05 -5.11 -6.97
C MET B 11 -9.06 -4.02 -6.56
N SER B 12 -7.78 -4.24 -6.80
N SER B 12 -7.77 -4.27 -6.72
CA SER B 12 -6.71 -3.35 -6.35
CA SER B 12 -6.71 -3.33 -6.34
C SER B 12 -5.68 -3.23 -7.47
C SER B 12 -5.70 -3.27 -7.49
N PRO B 13 -6.07 -2.63 -8.60
CA PRO B 13 -5.21 -2.68 -9.80
C PRO B 13 -3.97 -1.83 -9.72
N TRP B 14 -3.85 -1.03 -8.66
CA TRP B 14 -2.65 -0.30 -8.34
C TRP B 14 -1.70 -1.08 -7.45
N GLN B 15 -2.04 -2.28 -7.01
N GLN B 15 -2.05 -2.30 -7.04
CA GLN B 15 -1.17 -3.02 -6.10
CA GLN B 15 -1.18 -3.10 -6.20
C GLN B 15 0.06 -3.50 -6.85
C GLN B 15 0.10 -3.41 -6.95
N VAL B 16 1.22 -3.27 -6.26
CA VAL B 16 2.50 -3.65 -6.82
C VAL B 16 3.20 -4.60 -5.86
N MET B 17 3.88 -5.60 -6.41
CA MET B 17 4.77 -6.47 -5.64
C MET B 17 6.21 -6.07 -5.92
N LEU B 18 6.95 -5.76 -4.87
N LEU B 18 6.94 -5.74 -4.86
CA LEU B 18 8.38 -5.57 -4.98
CA LEU B 18 8.39 -5.52 -4.95
C LEU B 18 9.03 -6.92 -4.83
C LEU B 18 9.02 -6.90 -4.82
N PHE B 19 9.84 -7.29 -5.80
CA PHE B 19 10.34 -8.64 -5.93
C PHE B 19 11.85 -8.64 -5.99
N ARG B 20 12.46 -9.42 -5.10
N ARG B 20 12.47 -9.41 -5.10
CA ARG B 20 13.91 -9.54 -5.08
CA ARG B 20 13.91 -9.53 -5.06
C ARG B 20 14.35 -10.46 -6.21
C ARG B 20 14.36 -10.47 -6.18
N LYS B 21 15.41 -10.06 -6.92
CA LYS B 21 15.87 -10.83 -8.06
C LYS B 21 16.59 -12.11 -7.65
N SER B 22 17.46 -12.04 -6.65
CA SER B 22 18.27 -13.19 -6.28
C SER B 22 18.56 -13.09 -4.79
N PRO B 23 17.99 -13.97 -3.94
CA PRO B 23 17.05 -15.03 -4.30
C PRO B 23 15.71 -14.45 -4.69
N GLN B 24 14.94 -15.18 -5.52
CA GLN B 24 13.63 -14.71 -5.96
C GLN B 24 12.65 -14.81 -4.80
N GLU B 25 12.21 -13.67 -4.27
CA GLU B 25 11.28 -13.68 -3.16
C GLU B 25 10.54 -12.35 -3.06
N LEU B 26 9.40 -12.39 -2.36
N LEU B 26 9.41 -12.40 -2.35
CA LEU B 26 8.65 -11.16 -2.07
CA LEU B 26 8.64 -11.18 -2.08
C LEU B 26 9.48 -10.31 -1.13
C LEU B 26 9.46 -10.25 -1.19
N LEU B 27 9.63 -9.03 -1.47
N LEU B 27 9.54 -8.98 -1.61
CA LEU B 27 10.21 -8.08 -0.53
CA LEU B 27 10.27 -7.97 -0.85
C LEU B 27 9.18 -7.21 0.16
C LEU B 27 9.37 -7.03 -0.06
N CYS B 28 8.18 -6.74 -0.58
CA CYS B 28 7.28 -5.75 -0.01
C CYS B 28 6.12 -5.53 -0.96
N GLY B 29 5.09 -4.84 -0.50
CA GLY B 29 4.12 -4.23 -1.38
C GLY B 29 4.54 -2.81 -1.78
N ALA B 30 3.69 -2.24 -2.63
CA ALA B 30 3.89 -0.92 -3.21
C ALA B 30 2.62 -0.59 -3.99
N SER B 31 2.57 0.62 -4.57
CA SER B 31 1.40 1.04 -5.32
C SER B 31 1.80 1.83 -6.57
N LEU B 32 0.98 1.69 -7.60
CA LEU B 32 1.16 2.40 -8.85
C LEU B 32 0.44 3.73 -8.80
N ILE B 33 1.17 4.82 -9.01
CA ILE B 33 0.60 6.16 -8.93
C ILE B 33 0.61 6.89 -10.27
N SER B 34 1.27 6.34 -11.28
CA SER B 34 1.20 6.87 -12.63
C SER B 34 1.76 5.79 -13.54
N ASP B 35 1.94 6.09 -14.83
CA ASP B 35 2.51 5.09 -15.71
C ASP B 35 3.99 4.80 -15.45
N ARG B 36 4.68 5.61 -14.64
N ARG B 36 4.68 5.59 -14.62
CA ARG B 36 6.12 5.48 -14.45
CA ARG B 36 6.10 5.37 -14.44
C ARG B 36 6.57 5.45 -13.00
C ARG B 36 6.59 5.56 -13.01
N TRP B 37 5.69 5.75 -12.04
CA TRP B 37 6.07 5.94 -10.67
C TRP B 37 5.34 4.97 -9.74
N VAL B 38 6.10 4.44 -8.80
CA VAL B 38 5.61 3.47 -7.81
C VAL B 38 5.97 4.01 -6.43
N LEU B 39 5.01 3.94 -5.51
CA LEU B 39 5.16 4.43 -4.15
C LEU B 39 5.29 3.25 -3.20
N THR B 40 6.21 3.35 -2.24
CA THR B 40 6.39 2.30 -1.24
C THR B 40 6.87 2.92 0.07
N ALA B 41 7.15 2.05 1.04
CA ALA B 41 7.75 2.47 2.30
C ALA B 41 9.27 2.49 2.16
N ALA B 42 9.89 3.50 2.77
CA ALA B 42 11.35 3.56 2.78
C ALA B 42 11.97 2.32 3.42
N HIS B 43 11.34 1.76 4.47
CA HIS B 43 11.96 0.61 5.15
C HIS B 43 11.98 -0.64 4.27
N CYS B 44 11.23 -0.65 3.18
CA CYS B 44 11.29 -1.74 2.21
C CYS B 44 12.62 -1.76 1.47
N LEU B 45 13.29 -0.60 1.39
CA LEU B 45 14.53 -0.46 0.64
C LEU B 45 15.73 -0.19 1.51
N LEU B 46 15.54 0.47 2.66
CA LEU B 46 16.65 0.90 3.50
C LEU B 46 16.28 0.70 4.97
N TYR B 47 16.97 -0.21 5.64
CA TYR B 47 16.77 -0.40 7.08
C TYR B 47 18.05 -0.97 7.64
N PRO B 48 19.00 -0.10 8.00
CA PRO B 48 20.34 -0.55 8.41
C PRO B 48 20.35 -1.49 9.60
N PRO B 49 19.41 -1.38 10.56
CA PRO B 49 19.47 -2.34 11.68
C PRO B 49 19.39 -3.78 11.24
N TRP B 50 18.75 -4.05 10.10
CA TRP B 50 18.66 -5.40 9.54
C TRP B 50 19.54 -5.58 8.31
N ASP B 51 20.52 -4.69 8.12
CA ASP B 51 21.47 -4.79 7.01
C ASP B 51 20.74 -4.75 5.67
N LYS B 52 19.65 -3.99 5.60
CA LYS B 52 18.88 -3.85 4.36
C LYS B 52 19.24 -2.53 3.67
N ASN B 53 19.74 -2.63 2.44
CA ASN B 53 20.04 -1.43 1.65
C ASN B 53 20.03 -1.82 0.18
N PHE B 54 18.85 -1.84 -0.42
CA PHE B 54 18.73 -2.32 -1.79
C PHE B 54 19.05 -1.21 -2.80
N THR B 55 19.65 -1.62 -3.90
CA THR B 55 19.86 -0.73 -5.04
C THR B 55 18.88 -1.09 -6.15
N GLU B 56 18.79 -0.23 -7.15
CA GLU B 56 17.84 -0.43 -8.23
C GLU B 56 17.97 -1.81 -8.88
N ASN B 57 19.20 -2.27 -9.11
CA ASN B 57 19.37 -3.49 -9.88
C ASN B 57 19.07 -4.74 -9.05
N ASP B 58 18.80 -4.58 -7.76
CA ASP B 58 18.50 -5.74 -6.94
C ASP B 58 17.07 -6.21 -7.09
N LEU B 59 16.21 -5.39 -7.70
CA LEU B 59 14.78 -5.51 -7.50
C LEU B 59 14.03 -5.41 -8.82
N LEU B 60 12.83 -5.99 -8.81
CA LEU B 60 11.88 -5.80 -9.88
C LEU B 60 10.55 -5.41 -9.27
N VAL B 61 9.71 -4.75 -10.05
N VAL B 61 9.68 -4.86 -10.13
CA VAL B 61 8.33 -4.54 -9.65
CA VAL B 61 8.31 -4.45 -9.76
C VAL B 61 7.45 -5.41 -10.54
C VAL B 61 7.33 -5.26 -10.61
N ARG B 62 6.42 -5.99 -9.94
CA ARG B 62 5.46 -6.86 -10.61
C ARG B 62 4.08 -6.26 -10.39
N ILE B 63 3.41 -5.92 -11.48
CA ILE B 63 2.19 -5.13 -11.45
C ILE B 63 1.10 -5.96 -12.11
N GLY B 64 -0.13 -5.84 -11.62
CA GLY B 64 -1.24 -6.60 -12.15
C GLY B 64 -1.43 -7.97 -11.54
N LYS B 65 -0.80 -8.26 -10.41
CA LYS B 65 -0.79 -9.60 -9.86
C LYS B 65 -2.01 -9.86 -8.98
N HIS B 66 -2.31 -11.15 -8.87
CA HIS B 66 -3.32 -11.65 -7.94
C HIS B 66 -2.71 -12.80 -7.16
N SER B 67 -2.30 -13.87 -7.85
CA SER B 67 -1.56 -14.94 -7.19
C SER B 67 -0.24 -14.40 -6.60
N ARG B 68 0.10 -14.88 -5.40
CA ARG B 68 1.38 -14.50 -4.78
C ARG B 68 2.55 -15.08 -5.56
N THR B 69 2.54 -16.40 -5.79
CA THR B 69 3.76 -17.08 -6.23
C THR B 69 3.80 -17.39 -7.72
N ARG B 70 2.68 -17.36 -8.41
N ARG B 70 2.65 -17.39 -8.41
CA ARG B 70 2.66 -17.81 -9.79
CA ARG B 70 2.61 -17.78 -9.81
C ARG B 70 3.06 -16.69 -10.75
C ARG B 70 3.14 -16.67 -10.71
N TYR B 71 3.72 -17.06 -11.84
CA TYR B 71 3.98 -16.11 -12.92
C TYR B 71 2.69 -16.01 -13.74
N GLU B 72 2.03 -14.85 -13.66
CA GLU B 72 0.69 -14.68 -14.21
C GLU B 72 0.81 -14.18 -15.65
N ARG B 73 1.14 -15.14 -16.49
CA ARG B 73 1.36 -14.89 -17.90
C ARG B 73 0.15 -14.20 -18.53
N ASN B 74 0.45 -13.19 -19.35
CA ASN B 74 -0.51 -12.38 -20.09
C ASN B 74 -1.32 -11.43 -19.22
N ILE B 75 -1.02 -11.35 -17.93
CA ILE B 75 -1.75 -10.51 -17.01
C ILE B 75 -0.80 -9.58 -16.27
N GLU B 76 0.16 -10.14 -15.53
CA GLU B 76 1.08 -9.29 -14.82
C GLU B 76 2.11 -8.73 -15.79
N LYS B 77 2.69 -7.59 -15.40
CA LYS B 77 3.78 -6.98 -16.12
C LYS B 77 4.91 -6.69 -15.15
N ILE B 78 6.13 -6.96 -15.60
CA ILE B 78 7.32 -6.86 -14.78
C ILE B 78 8.18 -5.72 -15.30
N SER B 79 8.53 -4.80 -14.41
CA SER B 79 9.25 -3.59 -14.77
C SER B 79 10.55 -3.50 -13.97
N MET B 80 11.59 -2.96 -14.62
N MET B 80 11.58 -2.95 -14.63
CA MET B 80 12.85 -2.66 -13.96
CA MET B 80 12.86 -2.61 -14.01
C MET B 80 12.84 -1.23 -13.45
C MET B 80 12.78 -1.23 -13.38
N LEU B 81 13.71 -0.98 -12.46
CA LEU B 81 13.79 0.32 -11.80
C LEU B 81 14.87 1.20 -12.42
N GLU B 82 14.50 2.44 -12.74
N GLU B 82 14.47 2.43 -12.79
CA GLU B 82 15.48 3.43 -13.15
CA GLU B 82 15.43 3.47 -13.15
C GLU B 82 16.15 4.08 -11.94
C GLU B 82 16.14 3.97 -11.89
N LYS B 83 15.37 4.43 -10.92
CA LYS B 83 15.94 5.11 -9.77
C LYS B 83 15.01 5.01 -8.56
N ILE B 84 15.62 4.83 -7.40
CA ILE B 84 14.94 4.90 -6.10
C ILE B 84 15.21 6.25 -5.47
N TYR B 85 14.18 6.81 -4.81
CA TYR B 85 14.28 8.05 -4.05
C TYR B 85 13.68 7.80 -2.68
N ILE B 86 14.48 8.00 -1.65
CA ILE B 86 14.04 7.82 -0.27
C ILE B 86 13.93 9.21 0.36
N HIS B 87 12.91 9.40 1.18
CA HIS B 87 12.77 10.69 1.84
C HIS B 87 14.06 11.02 2.60
N PRO B 88 14.62 12.23 2.45
CA PRO B 88 15.92 12.54 3.08
C PRO B 88 15.84 12.62 4.59
N ARG B 89 14.64 12.73 5.15
CA ARG B 89 14.49 12.76 6.60
C ARG B 89 13.80 11.51 7.13
N TYR B 90 13.75 10.45 6.34
CA TYR B 90 13.33 9.15 6.83
C TYR B 90 14.13 8.76 8.07
N ASN B 91 13.41 8.47 9.14
CA ASN B 91 14.03 8.19 10.43
C ASN B 91 14.04 6.68 10.69
N TRP B 92 15.04 6.01 10.12
CA TRP B 92 15.20 4.58 10.38
C TRP B 92 15.84 4.31 11.72
N ARG B 93 16.43 5.34 12.35
N ARG B 93 16.42 5.33 12.35
CA ARG B 93 17.14 5.12 13.60
CA ARG B 93 17.12 5.09 13.60
C ARG B 93 16.19 4.93 14.77
C ARG B 93 16.15 4.87 14.75
N GLU B 94 15.02 5.58 14.73
CA GLU B 94 14.13 5.64 15.88
C GLU B 94 12.78 5.00 15.61
N ASN B 95 11.92 5.62 14.79
CA ASN B 95 10.49 5.34 14.78
C ASN B 95 9.89 5.28 13.38
N LEU B 96 10.70 5.19 12.35
CA LEU B 96 10.20 5.13 10.98
C LEU B 96 9.43 6.38 10.58
N ASP B 97 9.74 7.53 11.19
CA ASP B 97 9.11 8.77 10.74
C ASP B 97 9.46 9.01 9.26
N ARG B 98 8.46 9.44 8.51
CA ARG B 98 8.60 9.76 7.08
C ARG B 98 9.00 8.52 6.28
N ASP B 99 8.29 7.43 6.53
CA ASP B 99 8.59 6.11 5.94
C ASP B 99 8.00 6.05 4.53
N ILE B 100 8.73 6.64 3.57
CA ILE B 100 8.22 6.80 2.22
C ILE B 100 9.37 6.78 1.23
N ALA B 101 9.11 6.14 0.08
CA ALA B 101 10.06 6.11 -1.02
C ALA B 101 9.30 6.05 -2.33
N LEU B 102 9.94 6.57 -3.37
CA LEU B 102 9.43 6.52 -4.72
C LEU B 102 10.39 5.73 -5.58
N MET B 103 9.84 5.04 -6.57
CA MET B 103 10.63 4.30 -7.54
C MET B 103 10.15 4.71 -8.93
N LYS B 104 11.09 5.15 -9.77
CA LYS B 104 10.79 5.47 -11.16
C LYS B 104 11.12 4.24 -12.01
N LEU B 105 10.18 3.86 -12.87
CA LEU B 105 10.35 2.70 -13.73
C LEU B 105 11.18 3.05 -14.96
N LYS B 106 11.88 2.04 -15.47
CA LYS B 106 12.71 2.26 -16.64
C LYS B 106 11.88 2.64 -17.86
N LYS B 107 10.67 2.07 -17.98
CA LYS B 107 9.78 2.31 -19.10
C LYS B 107 8.36 2.42 -18.56
N PRO B 108 7.50 3.22 -19.19
CA PRO B 108 6.11 3.29 -18.73
C PRO B 108 5.42 1.94 -18.84
N VAL B 109 4.53 1.67 -17.89
CA VAL B 109 3.76 0.43 -17.91
C VAL B 109 2.44 0.69 -18.63
N ALA B 110 2.01 -0.30 -19.39
CA ALA B 110 0.73 -0.24 -20.08
C ALA B 110 -0.42 -0.57 -19.13
N PHE B 111 -1.40 0.30 -19.07
CA PHE B 111 -2.55 0.03 -18.21
C PHE B 111 -3.42 -1.03 -18.87
N SER B 112 -4.22 -1.70 -18.04
CA SER B 112 -5.10 -2.77 -18.49
C SER B 112 -6.21 -2.92 -17.47
N ASP B 113 -7.03 -3.96 -17.61
CA ASP B 113 -8.07 -4.24 -16.62
C ASP B 113 -7.47 -4.50 -15.25
N TYR B 114 -6.20 -4.91 -15.19
CA TYR B 114 -5.54 -5.38 -13.98
C TYR B 114 -4.51 -4.40 -13.46
N ILE B 115 -4.21 -3.34 -14.22
CA ILE B 115 -3.11 -2.44 -13.96
C ILE B 115 -3.66 -1.03 -14.14
N HIS B 116 -3.74 -0.25 -13.05
CA HIS B 116 -4.33 1.07 -13.13
C HIS B 116 -3.91 1.85 -11.91
N PRO B 117 -3.60 3.15 -12.03
CA PRO B 117 -3.08 3.89 -10.87
C PRO B 117 -4.15 4.38 -9.91
N VAL B 118 -3.72 4.53 -8.66
CA VAL B 118 -4.53 5.10 -7.60
C VAL B 118 -4.28 6.59 -7.53
N CYS B 119 -5.24 7.36 -7.01
CA CYS B 119 -5.03 8.78 -6.82
C CYS B 119 -4.37 9.06 -5.47
N LEU B 120 -3.67 10.20 -5.41
CA LEU B 120 -3.17 10.68 -4.14
C LEU B 120 -4.02 11.86 -3.68
N PRO B 121 -4.31 11.95 -2.39
CA PRO B 121 -5.36 12.87 -1.93
C PRO B 121 -4.90 14.32 -1.81
N ASP B 122 -5.79 15.21 -2.24
N ASP B 122 -5.74 15.24 -2.24
CA ASP B 122 -5.67 16.64 -1.98
CA ASP B 122 -5.44 16.62 -1.94
C ASP B 122 -5.93 16.93 -0.50
C ASP B 122 -5.87 16.94 -0.51
N ARG B 123 -5.59 18.16 -0.07
CA ARG B 123 -5.79 18.54 1.33
C ARG B 123 -7.22 18.30 1.79
N GLU B 124 -8.19 18.66 0.95
CA GLU B 124 -9.58 18.60 1.36
C GLU B 124 -10.09 17.16 1.45
N THR B 125 -9.69 16.32 0.50
CA THR B 125 -10.09 14.92 0.57
C THR B 125 -9.48 14.27 1.79
N ALA B 126 -8.21 14.59 2.08
CA ALA B 126 -7.57 14.04 3.27
C ALA B 126 -8.27 14.51 4.52
N ALA B 127 -8.59 15.80 4.62
CA ALA B 127 -9.22 16.31 5.82
C ALA B 127 -10.60 15.69 6.02
N SER B 128 -11.34 15.48 4.94
N SER B 128 -11.31 15.47 4.93
CA SER B 128 -12.67 14.92 5.10
CA SER B 128 -12.68 14.94 4.99
C SER B 128 -12.62 13.46 5.55
C SER B 128 -12.71 13.47 5.37
N LEU B 129 -11.70 12.69 4.97
CA LEU B 129 -11.76 11.26 5.14
C LEU B 129 -10.86 10.71 6.24
N LEU B 130 -9.79 11.41 6.62
CA LEU B 130 -8.86 10.88 7.62
C LEU B 130 -9.37 11.25 9.01
N GLN B 131 -10.43 10.57 9.40
CA GLN B 131 -11.14 10.83 10.64
C GLN B 131 -11.34 9.53 11.38
N ALA B 132 -11.27 9.58 12.72
CA ALA B 132 -11.45 8.37 13.50
C ALA B 132 -12.79 7.72 13.18
N GLY B 133 -12.76 6.40 12.97
CA GLY B 133 -13.93 5.63 12.65
C GLY B 133 -14.12 5.39 11.17
N TYR B 134 -13.62 6.28 10.33
CA TYR B 134 -13.71 6.09 8.89
C TYR B 134 -12.79 4.95 8.48
N LYS B 135 -13.29 4.07 7.64
CA LYS B 135 -12.55 2.87 7.27
C LYS B 135 -11.81 3.04 5.96
N GLY B 136 -10.62 2.49 5.92
CA GLY B 136 -9.89 2.30 4.69
C GLY B 136 -9.61 0.84 4.45
N ARG B 137 -8.85 0.57 3.40
CA ARG B 137 -8.64 -0.80 2.95
C ARG B 137 -7.15 -1.03 2.72
N VAL B 138 -6.65 -2.15 3.26
CA VAL B 138 -5.25 -2.52 3.16
C VAL B 138 -5.17 -3.83 2.40
N THR B 139 -4.17 -3.93 1.50
CA THR B 139 -4.02 -5.11 0.66
C THR B 139 -2.57 -5.55 0.66
N GLY B 140 -2.36 -6.85 0.53
CA GLY B 140 -1.01 -7.36 0.41
C GLY B 140 -0.93 -8.87 0.42
N TRP B 141 0.28 -9.34 0.16
CA TRP B 141 0.63 -10.75 0.10
C TRP B 141 1.44 -11.20 1.33
N GLY B 142 1.46 -10.42 2.39
CA GLY B 142 2.24 -10.75 3.57
C GLY B 142 1.60 -11.85 4.39
N ASN B 143 2.20 -12.09 5.54
CA ASN B 143 1.83 -13.21 6.39
C ASN B 143 0.38 -13.14 6.84
N LEU B 144 -0.24 -14.31 6.93
CA LEU B 144 -1.60 -14.45 7.40
C LEU B 144 -1.69 -14.47 8.91
N LYS B 145 -0.58 -14.66 9.61
CA LYS B 145 -0.56 -14.69 11.06
C LYS B 145 0.79 -14.16 11.52
N GLU B 146 0.82 -13.68 12.77
CA GLU B 146 2.06 -13.14 13.31
C GLU B 146 3.16 -14.20 13.31
N THR B 147 2.83 -15.40 13.75
CA THR B 147 3.80 -16.48 13.75
C THR B 147 3.17 -17.70 13.10
N TRP B 148 4.00 -18.47 12.40
CA TRP B 148 3.55 -19.68 11.75
C TRP B 148 4.73 -20.62 11.52
N LYS B 154 -1.92 -22.29 7.88
CA LYS B 154 -2.05 -20.89 7.52
C LYS B 154 -0.77 -20.11 7.81
N GLY B 155 -0.05 -19.76 6.75
CA GLY B 155 1.18 -18.99 6.86
C GLY B 155 1.24 -17.86 5.84
N GLN B 156 1.35 -18.21 4.57
CA GLN B 156 1.39 -17.22 3.50
C GLN B 156 0.28 -17.48 2.48
N PRO B 157 -0.28 -16.44 1.91
CA PRO B 157 -1.50 -16.61 1.10
C PRO B 157 -1.25 -17.05 -0.33
N SER B 158 -2.25 -17.74 -0.89
CA SER B 158 -2.19 -18.08 -2.31
C SER B 158 -2.41 -16.84 -3.18
N VAL B 159 -3.32 -15.95 -2.79
CA VAL B 159 -3.63 -14.77 -3.57
C VAL B 159 -3.66 -13.54 -2.68
N LEU B 160 -3.68 -12.38 -3.34
CA LEU B 160 -3.72 -11.10 -2.65
C LEU B 160 -4.85 -11.08 -1.63
N GLN B 161 -4.55 -10.55 -0.44
CA GLN B 161 -5.51 -10.43 0.64
C GLN B 161 -5.92 -8.97 0.85
N VAL B 162 -7.12 -8.79 1.39
CA VAL B 162 -7.74 -7.48 1.58
C VAL B 162 -8.39 -7.44 2.96
N VAL B 163 -8.24 -6.32 3.66
CA VAL B 163 -8.97 -6.07 4.90
C VAL B 163 -9.36 -4.62 4.99
N ASN B 164 -10.55 -4.36 5.50
CA ASN B 164 -11.02 -3.01 5.74
C ASN B 164 -10.88 -2.73 7.23
N LEU B 165 -10.30 -1.57 7.57
CA LEU B 165 -10.01 -1.22 8.97
C LEU B 165 -10.31 0.23 9.27
N PRO B 166 -10.84 0.53 10.45
CA PRO B 166 -11.12 1.91 10.83
C PRO B 166 -9.89 2.67 11.32
N ILE B 167 -9.83 3.94 10.94
CA ILE B 167 -8.85 4.86 11.49
C ILE B 167 -9.12 5.06 12.97
N VAL B 168 -8.07 5.13 13.77
CA VAL B 168 -8.20 5.23 15.22
C VAL B 168 -7.80 6.61 15.69
N GLU B 169 -8.45 7.05 16.76
CA GLU B 169 -8.17 8.33 17.39
C GLU B 169 -6.71 8.43 17.78
N ARG B 170 -6.10 9.60 17.53
N ARG B 170 -6.09 9.59 17.53
CA ARG B 170 -4.66 9.73 17.78
CA ARG B 170 -4.66 9.71 17.78
C ARG B 170 -4.26 9.44 19.23
C ARG B 170 -4.26 9.42 19.23
N PRO B 171 -5.01 9.86 20.26
CA PRO B 171 -4.59 9.48 21.63
C PRO B 171 -4.60 7.98 21.88
N VAL B 172 -5.54 7.25 21.27
CA VAL B 172 -5.56 5.79 21.39
C VAL B 172 -4.34 5.19 20.72
N CYS B 173 -3.99 5.67 19.53
CA CYS B 173 -2.76 5.23 18.86
C CYS B 173 -1.56 5.45 19.77
N LYS B 174 -1.43 6.66 20.30
N LYS B 174 -1.44 6.66 20.32
CA LYS B 174 -0.28 6.99 21.14
CA LYS B 174 -0.30 7.01 21.15
C LYS B 174 -0.22 6.10 22.37
C LYS B 174 -0.23 6.14 22.39
N ASP B 175 -1.38 5.85 23.00
CA ASP B 175 -1.43 5.12 24.26
C ASP B 175 -1.25 3.61 24.08
N SER B 176 -1.19 3.14 22.83
CA SER B 176 -1.06 1.72 22.56
C SER B 176 0.38 1.27 22.46
N THR B 177 1.35 2.18 22.50
CA THR B 177 2.73 1.85 22.18
C THR B 177 3.65 2.75 22.97
N ARG B 178 4.90 2.28 23.14
CA ARG B 178 5.94 3.13 23.68
C ARG B 178 6.75 3.86 22.61
N ILE B 179 6.57 3.51 21.33
CA ILE B 179 7.26 4.20 20.24
C ILE B 179 6.67 5.59 20.07
N ARG B 180 7.53 6.56 19.74
CA ARG B 180 7.09 7.94 19.58
C ARG B 180 6.36 8.09 18.24
N ILE B 181 5.09 8.47 18.30
N ILE B 181 5.12 8.50 18.28
CA ILE B 181 4.31 8.72 17.10
CA ILE B 181 4.37 8.67 17.04
C ILE B 181 4.57 10.14 16.62
C ILE B 181 4.37 10.14 16.64
N THR B 182 4.34 10.36 15.32
CA THR B 182 4.43 11.70 14.75
C THR B 182 3.21 11.99 13.87
N ASP B 183 3.10 13.26 13.49
CA ASP B 183 2.04 13.71 12.58
C ASP B 183 2.16 13.08 11.19
N ASN B 184 3.30 12.47 10.89
CA ASN B 184 3.48 11.81 9.59
C ASN B 184 3.01 10.36 9.60
N MET B 185 2.31 9.97 10.66
CA MET B 185 1.78 8.63 10.82
C MET B 185 0.32 8.72 11.23
N PHE B 186 -0.46 7.69 10.89
CA PHE B 186 -1.76 7.48 11.51
C PHE B 186 -1.87 6.00 11.83
N CYS B 187 -2.81 5.62 12.69
CA CYS B 187 -3.00 4.20 12.98
C CYS B 187 -4.44 3.77 12.69
N ALA B 188 -4.59 2.47 12.46
CA ALA B 188 -5.87 1.88 12.11
C ALA B 188 -5.98 0.47 12.66
N GLY B 189 -7.22 0.05 12.86
CA GLY B 189 -7.53 -1.28 13.35
C GLY B 189 -8.67 -1.21 14.32
N TYR B 190 -9.22 -2.37 14.63
CA TYR B 190 -10.31 -2.44 15.59
C TYR B 190 -9.78 -2.48 17.02
N LYS B 191 -10.62 -1.98 17.93
CA LYS B 191 -10.35 -2.05 19.36
C LYS B 191 -10.76 -3.42 19.87
N PRO B 192 -10.22 -3.84 21.02
CA PRO B 192 -10.64 -5.13 21.58
C PRO B 192 -12.15 -5.25 21.77
N ASP B 193 -12.81 -4.19 22.20
CA ASP B 193 -14.26 -4.26 22.41
C ASP B 193 -15.08 -4.31 21.12
N GLU B 194 -14.45 -4.03 19.98
CA GLU B 194 -15.23 -3.96 18.75
C GLU B 194 -15.47 -5.32 18.12
N GLY B 195 -14.85 -6.39 18.62
CA GLY B 195 -15.12 -7.72 18.12
C GLY B 195 -14.36 -8.11 16.85
N LYS B 196 -14.52 -7.31 15.80
CA LYS B 196 -13.87 -7.60 14.53
C LYS B 196 -12.36 -7.44 14.66
N ARG B 197 -11.65 -8.05 13.71
CA ARG B 197 -10.20 -8.13 13.76
C ARG B 197 -9.64 -7.76 12.40
N GLY B 198 -8.32 -7.78 12.31
CA GLY B 198 -7.63 -7.57 11.03
C GLY B 198 -6.44 -6.66 11.20
N ASP B 199 -5.41 -6.90 10.38
CA ASP B 199 -4.19 -6.09 10.47
C ASP B 199 -3.32 -6.41 9.27
N ALA B 200 -2.39 -5.52 8.99
CA ALA B 200 -1.25 -5.82 8.15
C ALA B 200 -0.26 -6.68 8.92
N CYS B 201 0.71 -7.25 8.20
CA CYS B 201 1.73 -8.07 8.83
C CYS B 201 3.00 -8.02 7.98
N GLU B 202 4.04 -8.69 8.46
CA GLU B 202 5.28 -8.82 7.67
C GLU B 202 4.98 -9.21 6.24
N GLY B 203 5.59 -8.51 5.29
CA GLY B 203 5.38 -8.71 3.87
C GLY B 203 4.38 -7.75 3.25
N ASP B 204 3.51 -7.15 4.07
CA ASP B 204 2.56 -6.17 3.58
C ASP B 204 3.14 -4.76 3.56
N SER B 205 4.28 -4.56 4.23
CA SER B 205 5.03 -3.31 4.22
C SER B 205 5.02 -2.68 2.86
N GLY B 206 4.80 -1.36 2.82
CA GLY B 206 4.92 -0.62 1.61
C GLY B 206 3.66 -0.58 0.77
N GLY B 207 2.69 -1.47 1.04
CA GLY B 207 1.44 -1.47 0.31
C GLY B 207 0.53 -0.34 0.76
N PRO B 208 -0.58 -0.21 0.06
CA PRO B 208 -1.44 0.97 0.23
C PRO B 208 -2.59 0.76 1.21
N PHE B 209 -2.92 1.84 1.92
CA PHE B 209 -4.16 2.02 2.68
C PHE B 209 -4.97 3.00 1.85
N VAL B 210 -6.09 2.53 1.31
CA VAL B 210 -6.88 3.31 0.38
C VAL B 210 -8.29 3.56 0.94
N MET B 211 -8.91 4.64 0.45
CA MET B 211 -10.27 5.02 0.81
C MET B 211 -11.00 5.43 -0.47
N LYS B 212 -12.27 5.15 -0.54
CA LYS B 212 -13.05 5.48 -1.74
C LYS B 212 -13.82 6.76 -1.43
N SER B 213 -13.46 7.85 -2.07
CA SER B 213 -14.14 9.10 -1.77
C SER B 213 -15.63 8.99 -2.08
N PRO B 214 -16.49 9.34 -1.13
CA PRO B 214 -17.94 9.37 -1.43
C PRO B 214 -18.34 10.60 -2.21
N PHE B 215 -17.43 11.55 -2.40
CA PHE B 215 -17.72 12.77 -3.14
C PHE B 215 -17.58 12.54 -4.64
N ASN B 216 -16.54 11.82 -5.07
CA ASN B 216 -16.29 11.65 -6.51
C ASN B 216 -16.12 10.19 -6.90
N ASN B 217 -16.31 9.26 -5.96
CA ASN B 217 -16.30 7.82 -6.23
C ASN B 217 -14.98 7.33 -6.81
N ARG B 218 -13.87 7.96 -6.41
CA ARG B 218 -12.53 7.55 -6.81
C ARG B 218 -11.77 7.05 -5.59
N TRP B 219 -10.85 6.13 -5.82
CA TRP B 219 -9.98 5.64 -4.77
C TRP B 219 -8.74 6.49 -4.60
N TYR B 220 -8.43 6.78 -3.35
CA TYR B 220 -7.28 7.56 -2.94
C TYR B 220 -6.42 6.77 -1.97
N GLN B 221 -5.10 6.91 -2.12
CA GLN B 221 -4.16 6.31 -1.20
C GLN B 221 -3.81 7.28 -0.08
N MET B 222 -4.34 7.02 1.12
N MET B 222 -4.32 7.00 1.11
CA MET B 222 -4.07 7.85 2.27
CA MET B 222 -4.10 7.84 2.27
C MET B 222 -2.84 7.40 3.05
C MET B 222 -2.89 7.39 3.08
N GLY B 223 -2.52 6.11 3.02
CA GLY B 223 -1.45 5.61 3.85
C GLY B 223 -0.59 4.58 3.13
N ILE B 224 0.57 4.33 3.75
CA ILE B 224 1.49 3.28 3.34
C ILE B 224 1.72 2.39 4.55
N VAL B 225 1.59 1.07 4.39
CA VAL B 225 1.85 0.15 5.50
C VAL B 225 3.27 0.35 6.00
N SER B 226 3.41 0.74 7.28
CA SER B 226 4.70 1.13 7.84
C SER B 226 5.17 0.26 8.99
N TRP B 227 4.44 0.18 10.10
CA TRP B 227 4.96 -0.57 11.23
C TRP B 227 3.84 -1.00 12.17
N GLY B 228 4.16 -2.00 12.97
CA GLY B 228 3.27 -2.46 14.02
C GLY B 228 4.07 -3.30 14.98
N GLU B 229 3.44 -3.69 16.07
CA GLU B 229 4.12 -4.49 17.07
C GLU B 229 3.37 -5.81 17.13
N GLY B 230 3.94 -6.82 16.51
CA GLY B 230 3.18 -8.02 16.23
C GLY B 230 2.21 -7.77 15.07
N CYS B 231 1.25 -8.69 14.93
CA CYS B 231 0.19 -8.55 13.93
C CYS B 231 -1.12 -8.96 14.56
N ASP B 232 -2.14 -8.10 14.42
CA ASP B 232 -3.50 -8.35 14.89
C ASP B 232 -3.56 -8.64 16.38
N ARG B 233 -2.70 -7.99 17.18
CA ARG B 233 -2.74 -8.15 18.63
C ARG B 233 -3.81 -7.25 19.21
N ASP B 234 -4.53 -7.76 20.21
CA ASP B 234 -5.50 -6.95 20.93
C ASP B 234 -4.80 -5.76 21.58
N GLY B 235 -5.38 -4.57 21.39
CA GLY B 235 -4.85 -3.38 21.99
C GLY B 235 -3.68 -2.77 21.25
N LYS B 236 -3.27 -3.37 20.13
N LYS B 236 -3.28 -3.36 20.13
CA LYS B 236 -2.28 -2.80 19.25
CA LYS B 236 -2.28 -2.79 19.24
C LYS B 236 -2.97 -2.39 17.95
C LYS B 236 -2.95 -2.41 17.93
N TYR B 237 -2.28 -1.54 17.18
CA TYR B 237 -2.80 -1.01 15.93
C TYR B 237 -1.68 -0.97 14.91
N GLY B 238 -2.06 -1.06 13.64
CA GLY B 238 -1.10 -0.86 12.58
C GLY B 238 -0.89 0.62 12.32
N PHE B 239 0.36 0.96 11.98
CA PHE B 239 0.74 2.32 11.68
C PHE B 239 1.11 2.49 10.21
N TYR B 240 0.68 3.63 9.67
CA TYR B 240 0.71 3.94 8.24
C TYR B 240 1.34 5.31 8.03
N THR B 241 2.22 5.40 7.03
CA THR B 241 2.71 6.71 6.62
C THR B 241 1.58 7.56 6.08
N HIS B 242 1.51 8.81 6.53
CA HIS B 242 0.46 9.77 6.18
C HIS B 242 0.84 10.42 4.85
N VAL B 243 0.28 9.89 3.74
CA VAL B 243 0.72 10.30 2.41
C VAL B 243 0.57 11.80 2.19
N PHE B 244 -0.60 12.36 2.54
CA PHE B 244 -0.81 13.78 2.30
C PHE B 244 0.25 14.63 3.01
N ARG B 245 0.62 14.26 4.23
CA ARG B 245 1.60 15.06 4.96
C ARG B 245 2.94 15.11 4.25
N LEU B 246 3.21 14.15 3.37
CA LEU B 246 4.48 14.09 2.66
C LEU B 246 4.32 14.51 1.19
N LYS B 247 3.21 15.18 0.87
CA LYS B 247 2.92 15.61 -0.50
C LYS B 247 4.03 16.48 -1.09
N LYS B 248 4.56 17.42 -0.33
CA LYS B 248 5.51 18.35 -0.92
C LYS B 248 6.75 17.63 -1.42
N TRP B 249 7.19 16.61 -0.68
CA TRP B 249 8.36 15.83 -1.09
C TRP B 249 8.04 14.98 -2.32
N ILE B 250 6.89 14.30 -2.34
CA ILE B 250 6.48 13.52 -3.50
C ILE B 250 6.49 14.38 -4.75
N GLN B 251 5.84 15.55 -4.66
CA GLN B 251 5.73 16.44 -5.81
C GLN B 251 7.09 16.94 -6.25
N LYS B 252 7.96 17.26 -5.29
CA LYS B 252 9.30 17.74 -5.61
C LYS B 252 10.08 16.68 -6.39
N VAL B 253 10.00 15.44 -5.95
CA VAL B 253 10.75 14.38 -6.62
C VAL B 253 10.21 14.18 -8.03
N ILE B 254 8.89 14.10 -8.18
CA ILE B 254 8.35 13.79 -9.49
C ILE B 254 8.53 14.98 -10.44
N ASP B 255 8.36 16.20 -9.92
CA ASP B 255 8.51 17.38 -10.76
C ASP B 255 9.94 17.53 -11.27
N GLN B 256 10.91 17.06 -10.49
CA GLN B 256 12.32 17.24 -10.76
C GLN B 256 12.91 16.10 -11.59
N PHE B 257 12.43 14.88 -11.41
CA PHE B 257 13.02 13.72 -12.06
C PHE B 257 12.11 13.04 -13.08
N GLY B 258 10.87 13.50 -13.23
CA GLY B 258 9.99 12.90 -14.21
C GLY B 258 10.20 13.57 -15.55
N ASP C 2 9.83 -21.11 -3.73
CA ASP C 2 8.38 -21.12 -3.56
C ASP C 2 7.69 -20.32 -4.68
N PHE C 3 8.44 -19.47 -5.35
CA PHE C 3 7.93 -18.69 -6.46
C PHE C 3 8.24 -19.35 -7.79
N GLU C 4 7.26 -19.34 -8.69
CA GLU C 4 7.45 -19.77 -10.06
C GLU C 4 8.50 -18.89 -10.73
N GLU C 5 9.41 -19.51 -11.49
CA GLU C 5 10.44 -18.74 -12.18
C GLU C 5 9.78 -17.73 -13.11
N ILE C 6 10.38 -16.55 -13.21
CA ILE C 6 9.90 -15.55 -14.15
C ILE C 6 10.73 -15.63 -15.43
N PRO C 7 10.20 -15.14 -16.56
CA PRO C 7 10.98 -15.16 -17.80
C PRO C 7 12.36 -14.56 -17.64
N GLU C 8 13.33 -15.11 -18.38
CA GLU C 8 14.72 -14.69 -18.22
C GLU C 8 14.91 -13.25 -18.67
N GLU C 9 14.09 -12.78 -19.59
CA GLU C 9 14.25 -11.43 -20.12
C GLU C 9 14.19 -10.37 -19.02
N TYS C 10 13.54 -10.68 -17.90
CA TYS C 10 13.40 -9.71 -16.83
CB TYS C 10 12.13 -9.94 -16.00
CG TYS C 10 10.91 -9.85 -16.88
CD1 TYS C 10 10.59 -8.68 -17.55
CD2 TYS C 10 10.14 -10.99 -17.03
CE1 TYS C 10 9.47 -8.63 -18.36
CE2 TYS C 10 9.01 -10.95 -17.85
CZ TYS C 10 8.68 -9.77 -18.53
OH TYS C 10 7.56 -9.74 -19.32
S TYS C 10 6.18 -9.31 -18.74
O1 TYS C 10 6.23 -7.94 -18.35
O2 TYS C 10 5.22 -9.50 -19.81
O3 TYS C 10 5.83 -10.27 -17.47
C TYS C 10 14.58 -9.71 -15.89
O TYS C 10 14.67 -8.83 -15.02
HA TYS C 10 13.34 -8.85 -17.27
HB2 TYS C 10 12.08 -9.26 -15.29
HB3 TYS C 10 12.18 -10.81 -15.58
HD1 TYS C 10 11.12 -7.92 -17.45
HD2 TYS C 10 10.36 -11.77 -16.59
HE1 TYS C 10 9.24 -7.84 -18.80
HE2 TYS C 10 8.48 -11.71 -17.95
HO3 TYS C 10 5.13 -10.15 -17.03
N LEU C 11 15.50 -10.64 -16.05
CA LEU C 11 16.63 -10.74 -15.14
C LEU C 11 17.94 -10.35 -15.83
N GLN C 12 17.87 -9.95 -17.09
CA GLN C 12 19.07 -9.65 -17.87
C GLN C 12 19.73 -8.36 -17.39
C1 EDO D . -9.09 13.46 -10.03
O1 EDO D . -10.39 13.94 -10.43
C2 EDO D . -8.28 13.15 -11.29
O2 EDO D . -6.86 13.24 -11.08
NA NA E . -5.07 -4.95 17.10
NA NA F . 2.53 5.76 24.50
P PO4 G . 12.58 13.17 13.51
O1 PO4 G . 13.35 12.87 12.23
O2 PO4 G . 11.92 14.53 13.37
O3 PO4 G . 11.57 12.04 13.55
O4 PO4 G . 13.56 13.06 14.66
C1 NAG H . 23.21 2.31 1.12
C2 NAG H . 24.28 2.96 1.96
C3 NAG H . 24.71 4.27 1.32
C4 NAG H . 25.20 4.02 -0.10
C5 NAG H . 24.17 3.23 -0.91
C6 NAG H . 24.74 2.73 -2.22
C7 NAG H . 22.95 4.04 3.73
C8 NAG H . 22.68 4.11 5.21
N2 NAG H . 23.86 3.15 3.33
O3 NAG H . 25.74 4.86 2.09
O4 NAG H . 25.46 5.27 -0.73
O5 NAG H . 23.73 2.06 -0.20
O7 NAG H . 22.34 4.76 2.93
C12 OQZ I . 0.38 14.39 -12.91
C13 OQZ I . -0.28 13.06 -12.70
C14 OQZ I . 0.03 11.97 -13.52
C15 OQZ I . -0.54 10.73 -13.30
C16 OQZ I . -1.43 10.55 -12.26
C17 OQZ I . -1.76 11.62 -11.44
C18 OQZ I . -1.19 12.86 -11.66
N OQZ I . 2.22 15.95 -12.27
C OQZ I . 1.66 14.60 -12.08
O OQZ I . 2.95 14.36 -7.82
C1 OQZ I . 1.32 14.41 -10.61
C10 OQZ I . 1.71 10.92 -9.78
C11 OQZ I . 2.21 12.04 -10.64
C2 OQZ I . 1.16 12.99 -8.66
C3 OQZ I . 1.82 13.93 -7.65
C4 OQZ I . 1.73 14.81 -5.39
C5 OQZ I . 0.71 14.71 -4.30
C6 OQZ I . -0.48 15.30 -4.36
C7 OQZ I . -1.31 15.00 -3.30
C8 OQZ I . -0.73 14.17 -2.43
C9 OQZ I . 1.58 11.53 -8.39
N1 OQZ I . 1.59 13.23 -10.04
N2 OQZ I . 1.10 14.23 -6.57
O1 OQZ I . 0.80 15.32 -9.98
S OQZ I . 0.88 13.74 -2.87
CL OQZ I . -1.44 13.50 -1.03
C12 OQZ J . 8.48 -1.83 15.29
C13 OQZ J . 9.33 -0.62 14.99
C14 OQZ J . 8.75 0.56 14.54
C15 OQZ J . 9.54 1.66 14.22
C16 OQZ J . 10.92 1.59 14.36
C17 OQZ J . 11.50 0.42 14.81
C18 OQZ J . 10.71 -0.68 15.13
N OQZ J . 7.92 -4.20 14.89
C OQZ J . 8.73 -3.06 14.39
O OQZ J . 8.21 -4.74 10.47
C1 OQZ J . 8.31 -2.77 12.95
C10 OQZ J . 11.18 -2.01 10.85
C11 OQZ J . 10.73 -2.63 12.14
C2 OQZ J . 8.83 -2.43 10.62
C3 OQZ J . 7.94 -3.58 10.16
C4 OQZ J . 5.94 -4.17 8.85
C5 OQZ J . 4.58 -4.21 9.53
C6 OQZ J . 4.18 -5.20 10.33
C7 OQZ J . 2.89 -5.02 10.86
C8 OQZ J . 2.33 -3.87 10.44
C9 OQZ J . 10.15 -2.42 9.82
N1 OQZ J . 9.26 -2.61 12.01
N2 OQZ J . 6.90 -3.22 9.38
O1 OQZ J . 7.13 -2.72 12.67
S OQZ J . 3.36 -2.97 9.39
CL OQZ J . 0.79 -3.27 10.88
S DMS K . -14.95 17.31 -0.66
O DMS K . -15.17 17.88 0.71
C1 DMS K . -14.75 18.58 -1.93
C2 DMS K . -13.33 16.51 -0.74
#